data_7Z9V
#
_entry.id   7Z9V
#
_cell.length_a   50.818
_cell.length_b   68.691
_cell.length_c   116.954
_cell.angle_alpha   90.000
_cell.angle_beta   90.000
_cell.angle_gamma   90.000
#
_symmetry.space_group_name_H-M   'I 2 2 2'
#
loop_
_entity.id
_entity.type
_entity.pdbx_description
1 polymer 'Cholinephosphate cytidylyltransferase'
2 non-polymer Guanidinium
3 non-polymer (3~{S},4~{R})-oxolane-3,4-diol
4 water water
#
_entity_poly.entity_id   1
_entity_poly.type   'polypeptide(L)'
_entity_poly.pdbx_seq_one_letter_code
;GHMAVPDDDDDDDNSNDESEYESSQMDSEKNKGSIKNSKNVVIYADGVYDMLHLGHMKQLEQAKKLFENTTLIVGVTSDN
ETKLFKGQVVQTLEERTETLKHIRWVDEIISPCPWVVTPEFLEKYKIDYVAHDDIPYANNQKEDIYAWLKRAGKFKATQR
TEGVSTTDLIVRILKNYEDY
;
_entity_poly.pdbx_strand_id   A
#
loop_
_chem_comp.id
_chem_comp.type
_chem_comp.name
_chem_comp.formula
GZ6 non-polymer Guanidinium 'C H6 N3 1'
IJ8 non-polymer (3~{S},4~{R})-oxolane-3,4-diol 'C4 H8 O3'
#
# COMPACT_ATOMS: atom_id res chain seq x y z
N SER A 38 9.16 22.21 -10.18
CA SER A 38 8.20 22.02 -9.09
C SER A 38 8.85 21.30 -7.91
N LYS A 39 8.55 21.78 -6.69
CA LYS A 39 9.06 21.18 -5.47
C LYS A 39 8.76 19.68 -5.42
N ASN A 40 9.68 18.91 -4.86
CA ASN A 40 9.49 17.46 -4.76
C ASN A 40 8.67 17.12 -3.52
N VAL A 41 7.55 16.41 -3.72
CA VAL A 41 6.58 16.12 -2.69
C VAL A 41 6.75 14.68 -2.24
N VAL A 42 6.89 14.45 -0.94
CA VAL A 42 7.11 13.10 -0.42
C VAL A 42 5.76 12.49 -0.04
N ILE A 43 5.44 11.36 -0.66
CA ILE A 43 4.16 10.67 -0.48
C ILE A 43 4.43 9.36 0.23
N TYR A 44 3.55 9.00 1.16
CA TYR A 44 3.64 7.76 1.90
C TYR A 44 2.35 6.97 1.72
N ALA A 45 2.48 5.71 1.31
CA ALA A 45 1.37 4.77 1.26
C ALA A 45 1.81 3.52 2.00
N ASP A 46 0.87 2.81 2.62
CA ASP A 46 1.25 1.57 3.26
C ASP A 46 0.17 0.51 3.02
N GLY A 47 0.48 -0.71 3.41
CA GLY A 47 -0.41 -1.84 3.20
C GLY A 47 0.31 -3.16 3.38
N VAL A 48 -0.44 -4.24 3.15
CA VAL A 48 0.13 -5.57 3.25
C VAL A 48 0.85 -5.97 1.96
N TYR A 49 0.23 -5.68 0.81
CA TYR A 49 0.78 -6.06 -0.50
C TYR A 49 1.06 -7.56 -0.55
N ASP A 50 0.11 -8.36 -0.04
CA ASP A 50 0.14 -9.80 -0.23
C ASP A 50 -0.31 -10.16 -1.65
N MET A 51 0.37 -11.15 -2.26
CA MET A 51 0.14 -11.55 -3.65
C MET A 51 -0.17 -10.34 -4.55
N LEU A 52 0.85 -9.50 -4.68
CA LEU A 52 0.72 -8.22 -5.37
C LEU A 52 0.04 -8.39 -6.72
N HIS A 53 -0.95 -7.53 -6.98
CA HIS A 53 -1.74 -7.65 -8.18
C HIS A 53 -1.96 -6.25 -8.76
N LEU A 54 -2.63 -6.22 -9.91
CA LEU A 54 -2.82 -4.99 -10.66
C LEU A 54 -3.47 -3.91 -9.80
N GLY A 55 -4.38 -4.31 -8.91
CA GLY A 55 -5.03 -3.33 -8.03
C GLY A 55 -4.05 -2.56 -7.16
N HIS A 56 -3.13 -3.29 -6.52
CA HIS A 56 -2.08 -2.61 -5.74
C HIS A 56 -1.29 -1.67 -6.63
N MET A 57 -0.96 -2.16 -7.83
CA MET A 57 -0.06 -1.44 -8.73
C MET A 57 -0.70 -0.13 -9.17
N LYS A 58 -1.99 -0.17 -9.48
CA LYS A 58 -2.71 1.04 -9.87
C LYS A 58 -2.79 2.02 -8.71
N GLN A 59 -2.98 1.53 -7.49
CA GLN A 59 -3.01 2.42 -6.34
C GLN A 59 -1.64 3.06 -6.08
N LEU A 60 -0.56 2.29 -6.24
CA LEU A 60 0.76 2.88 -6.10
C LEU A 60 1.00 3.93 -7.17
N GLU A 61 0.57 3.66 -8.41
CA GLU A 61 0.71 4.63 -9.48
C GLU A 61 -0.04 5.91 -9.16
N GLN A 62 -1.25 5.77 -8.62
CA GLN A 62 -2.06 6.94 -8.29
C GLN A 62 -1.37 7.79 -7.23
N ALA A 63 -0.81 7.14 -6.21
CA ALA A 63 -0.09 7.88 -5.17
C ALA A 63 1.16 8.56 -5.73
N LYS A 64 1.92 7.84 -6.55
CA LYS A 64 3.12 8.41 -7.15
C LYS A 64 2.80 9.65 -7.99
N LYS A 65 1.60 9.69 -8.59
CA LYS A 65 1.24 10.74 -9.53
C LYS A 65 0.36 11.84 -8.93
N LEU A 66 0.22 11.86 -7.60
CA LEU A 66 -0.57 12.91 -6.96
C LEU A 66 -0.04 14.30 -7.29
N PHE A 67 1.28 14.45 -7.42
CA PHE A 67 1.92 15.69 -7.86
C PHE A 67 2.91 15.38 -8.97
N GLU A 68 3.37 16.44 -9.65
CA GLU A 68 4.23 16.24 -10.82
C GLU A 68 5.57 15.63 -10.44
N ASN A 69 6.15 16.05 -9.32
CA ASN A 69 7.44 15.52 -8.87
C ASN A 69 7.29 15.04 -7.44
N THR A 70 7.35 13.72 -7.26
CA THR A 70 7.12 13.09 -5.98
C THR A 70 8.25 12.13 -5.65
N THR A 71 8.36 11.81 -4.37
CA THR A 71 9.02 10.60 -3.89
C THR A 71 7.96 9.74 -3.20
N LEU A 72 7.71 8.55 -3.73
CA LEU A 72 6.72 7.64 -3.15
C LEU A 72 7.44 6.67 -2.22
N ILE A 73 7.14 6.79 -0.94
CA ILE A 73 7.61 5.86 0.09
C ILE A 73 6.48 4.87 0.38
N VAL A 74 6.78 3.59 0.33
CA VAL A 74 5.77 2.56 0.58
C VAL A 74 6.14 1.80 1.83
N GLY A 75 5.20 1.70 2.77
CA GLY A 75 5.38 0.94 3.98
C GLY A 75 4.69 -0.40 3.86
N VAL A 76 5.38 -1.45 4.27
CA VAL A 76 4.91 -2.83 4.15
C VAL A 76 4.69 -3.37 5.56
N THR A 77 3.47 -3.85 5.85
CA THR A 77 3.17 -4.18 7.24
C THR A 77 3.81 -5.50 7.65
N SER A 78 4.12 -5.62 8.94
CA SER A 78 4.78 -6.81 9.46
C SER A 78 3.83 -8.02 9.40
N ASP A 79 4.42 -9.21 9.40
CA ASP A 79 3.62 -10.42 9.40
C ASP A 79 2.78 -10.54 10.68
N ASN A 80 3.41 -10.33 11.84
CA ASN A 80 2.72 -10.53 13.11
CA ASN A 80 2.71 -10.56 13.09
C ASN A 80 1.60 -9.52 13.31
N GLU A 81 1.83 -8.25 12.98
CA GLU A 81 0.79 -7.26 13.22
C GLU A 81 -0.34 -7.41 12.21
N THR A 82 -0.03 -7.72 10.96
CA THR A 82 -1.10 -7.95 9.99
C THR A 82 -1.99 -9.11 10.42
N LYS A 83 -1.39 -10.23 10.83
CA LYS A 83 -2.19 -11.39 11.20
C LYS A 83 -3.01 -11.12 12.45
N LEU A 84 -2.47 -10.34 13.38
CA LEU A 84 -3.15 -10.11 14.65
C LEU A 84 -4.33 -9.14 14.49
N PHE A 85 -4.17 -8.11 13.66
CA PHE A 85 -5.15 -7.04 13.58
C PHE A 85 -5.99 -7.04 12.31
N LYS A 86 -5.60 -7.75 11.26
CA LYS A 86 -6.28 -7.57 9.98
C LYS A 86 -6.74 -8.90 9.40
N GLY A 87 -5.83 -9.84 9.20
CA GLY A 87 -6.24 -11.11 8.64
C GLY A 87 -5.06 -11.90 8.09
N GLN A 88 -5.40 -12.99 7.43
CA GLN A 88 -4.40 -13.94 6.96
C GLN A 88 -3.56 -13.36 5.84
N VAL A 89 -2.30 -13.79 5.80
CA VAL A 89 -1.32 -13.30 4.84
C VAL A 89 -0.51 -14.50 4.34
N VAL A 90 -0.50 -14.70 3.02
CA VAL A 90 0.23 -15.83 2.45
C VAL A 90 1.74 -15.61 2.52
N GLN A 91 2.19 -14.43 2.13
CA GLN A 91 3.61 -14.20 1.89
C GLN A 91 4.25 -13.51 3.08
N THR A 92 5.51 -13.87 3.34
CA THR A 92 6.25 -13.23 4.41
C THR A 92 6.59 -11.79 4.03
N LEU A 93 6.96 -11.01 5.04
CA LEU A 93 7.40 -9.65 4.81
C LEU A 93 8.50 -9.60 3.75
N GLU A 94 9.48 -10.50 3.85
CA GLU A 94 10.58 -10.48 2.90
C GLU A 94 10.08 -10.70 1.47
N GLU A 95 9.11 -11.60 1.30
CA GLU A 95 8.56 -11.89 -0.03
C GLU A 95 7.77 -10.68 -0.56
N ARG A 96 6.92 -10.13 0.28
CA ARG A 96 6.08 -9.01 -0.12
C ARG A 96 6.92 -7.80 -0.47
N THR A 97 7.96 -7.54 0.32
CA THR A 97 8.84 -6.41 0.04
C THR A 97 9.66 -6.65 -1.21
N GLU A 98 10.19 -7.86 -1.37
CA GLU A 98 10.99 -8.13 -2.55
C GLU A 98 10.20 -7.99 -3.84
N THR A 99 8.91 -8.34 -3.80
CA THR A 99 8.08 -8.18 -5.00
C THR A 99 7.83 -6.71 -5.29
N LEU A 100 7.55 -5.92 -4.25
CA LEU A 100 7.27 -4.50 -4.41
C LEU A 100 8.44 -3.73 -5.03
N LYS A 101 9.68 -4.15 -4.76
CA LYS A 101 10.82 -3.42 -5.32
C LYS A 101 10.86 -3.44 -6.86
N HIS A 102 10.09 -4.33 -7.49
CA HIS A 102 10.06 -4.40 -8.94
C HIS A 102 9.07 -3.40 -9.54
N ILE A 103 8.31 -2.69 -8.71
CA ILE A 103 7.23 -1.84 -9.20
C ILE A 103 7.79 -0.45 -9.45
N ARG A 104 7.61 0.04 -10.67
CA ARG A 104 8.26 1.30 -11.09
C ARG A 104 7.89 2.52 -10.26
N TRP A 105 6.72 2.54 -9.66
CA TRP A 105 6.30 3.75 -8.95
C TRP A 105 6.97 3.88 -7.61
N VAL A 106 7.54 2.80 -7.07
CA VAL A 106 8.07 2.75 -5.72
C VAL A 106 9.46 3.38 -5.69
N ASP A 107 9.64 4.42 -4.88
CA ASP A 107 10.96 5.03 -4.76
C ASP A 107 11.71 4.59 -3.52
N GLU A 108 11.01 4.34 -2.42
CA GLU A 108 11.58 3.93 -1.14
C GLU A 108 10.60 2.98 -0.49
N ILE A 109 11.13 1.98 0.22
CA ILE A 109 10.28 1.07 0.98
C ILE A 109 10.71 1.08 2.44
N ILE A 110 9.73 1.17 3.34
CA ILE A 110 9.94 0.99 4.76
C ILE A 110 9.36 -0.37 5.11
N SER A 111 10.24 -1.32 5.41
CA SER A 111 9.79 -2.68 5.65
C SER A 111 10.51 -3.28 6.85
N PRO A 112 9.80 -3.60 7.95
CA PRO A 112 8.35 -3.41 8.16
C PRO A 112 8.02 -1.97 8.47
N CYS A 113 6.82 -1.55 8.16
CA CYS A 113 6.39 -0.22 8.56
C CYS A 113 5.61 -0.32 9.86
N PRO A 114 5.37 0.80 10.55
CA PRO A 114 4.55 0.74 11.76
C PRO A 114 3.09 0.47 11.41
N TRP A 115 2.41 -0.24 12.32
CA TRP A 115 1.00 -0.57 12.07
C TRP A 115 0.14 0.69 12.08
N VAL A 116 0.45 1.65 12.95
CA VAL A 116 -0.29 2.91 13.03
C VAL A 116 0.66 4.05 12.68
N VAL A 117 0.24 4.91 11.76
CA VAL A 117 1.02 6.08 11.37
C VAL A 117 0.90 7.13 12.47
N THR A 118 2.02 7.72 12.88
CA THR A 118 2.05 8.77 13.88
C THR A 118 2.60 10.07 13.31
N PRO A 119 2.32 11.22 13.95
CA PRO A 119 2.93 12.47 13.45
C PRO A 119 4.45 12.45 13.53
N GLU A 120 5.00 11.79 14.54
CA GLU A 120 6.46 11.64 14.65
C GLU A 120 7.03 10.91 13.44
N PHE A 121 6.33 9.87 12.98
CA PHE A 121 6.77 9.13 11.80
C PHE A 121 6.79 10.02 10.57
N LEU A 122 5.73 10.83 10.38
CA LEU A 122 5.73 11.79 9.28
C LEU A 122 6.91 12.76 9.37
N GLU A 123 7.19 13.27 10.57
CA GLU A 123 8.33 14.18 10.72
C GLU A 123 9.64 13.49 10.39
N LYS A 124 9.84 12.29 10.93
CA LYS A 124 11.08 11.56 10.73
C LYS A 124 11.38 11.36 9.24
N TYR A 125 10.40 10.93 8.47
CA TYR A 125 10.65 10.68 7.05
C TYR A 125 10.29 11.86 6.16
N LYS A 126 9.99 13.02 6.76
CA LYS A 126 9.69 14.24 6.00
C LYS A 126 8.53 14.01 5.03
N ILE A 127 7.47 13.36 5.50
CA ILE A 127 6.36 13.00 4.62
C ILE A 127 5.42 14.20 4.46
N ASP A 128 5.13 14.56 3.21
CA ASP A 128 4.17 15.64 2.99
C ASP A 128 2.72 15.17 3.00
N TYR A 129 2.43 14.02 2.39
CA TYR A 129 1.07 13.49 2.32
C TYR A 129 1.07 11.98 2.53
N VAL A 130 0.01 11.49 3.15
CA VAL A 130 -0.28 10.06 3.22
C VAL A 130 -1.38 9.76 2.21
N ALA A 131 -1.11 8.82 1.30
CA ALA A 131 -2.06 8.43 0.28
C ALA A 131 -2.76 7.17 0.77
N HIS A 132 -4.08 7.26 0.94
CA HIS A 132 -4.84 6.23 1.62
C HIS A 132 -6.18 6.08 0.90
N ASP A 133 -6.77 4.90 1.00
CA ASP A 133 -8.11 4.73 0.43
C ASP A 133 -9.19 4.84 1.52
N ASP A 144 -12.49 8.27 13.04
CA ASP A 144 -11.88 8.26 11.71
C ASP A 144 -10.47 7.64 11.74
N ILE A 145 -9.62 8.14 12.64
CA ILE A 145 -8.24 7.68 12.81
C ILE A 145 -7.39 7.97 11.57
N TYR A 146 -8.02 8.46 10.50
CA TYR A 146 -7.35 9.32 9.54
C TYR A 146 -7.61 10.79 9.85
N ALA A 147 -8.42 11.06 10.88
CA ALA A 147 -8.91 12.41 11.11
C ALA A 147 -7.79 13.39 11.36
N TRP A 148 -6.80 13.00 12.17
CA TRP A 148 -5.68 13.92 12.44
C TRP A 148 -4.89 14.21 11.16
N LEU A 149 -4.84 13.27 10.23
CA LEU A 149 -4.18 13.51 8.96
C LEU A 149 -4.95 14.54 8.13
N LYS A 150 -6.28 14.38 8.04
CA LYS A 150 -7.07 15.34 7.26
C LYS A 150 -6.98 16.71 7.84
N ARG A 151 -6.96 16.77 9.19
CA ARG A 151 -6.90 18.06 9.92
C ARG A 151 -5.56 18.73 9.68
N ALA A 152 -4.48 17.96 9.50
CA ALA A 152 -3.19 18.48 9.18
C ALA A 152 -3.04 18.83 7.71
N GLY A 153 -4.04 18.50 6.89
CA GLY A 153 -3.92 18.70 5.44
C GLY A 153 -3.01 17.72 4.77
N LYS A 154 -2.70 16.59 5.41
CA LYS A 154 -1.69 15.67 4.89
C LYS A 154 -2.31 14.36 4.39
N PHE A 155 -3.60 14.38 4.03
CA PHE A 155 -4.32 13.20 3.59
C PHE A 155 -4.65 13.32 2.11
N LYS A 156 -4.36 12.28 1.33
CA LYS A 156 -4.71 12.24 -0.07
C LYS A 156 -5.41 10.93 -0.38
N ALA A 157 -6.58 11.01 -1.00
CA ALA A 157 -7.36 9.82 -1.28
C ALA A 157 -6.84 9.13 -2.53
N THR A 158 -6.74 7.80 -2.46
CA THR A 158 -6.55 6.94 -3.62
C THR A 158 -7.67 5.90 -3.64
N GLN A 159 -7.81 5.23 -4.78
CA GLN A 159 -8.93 4.31 -4.97
C GLN A 159 -8.45 2.89 -5.18
N ARG A 160 -9.28 1.95 -4.69
CA ARG A 160 -9.11 0.54 -4.97
C ARG A 160 -9.80 0.18 -6.28
N THR A 161 -9.16 -0.70 -7.04
CA THR A 161 -9.78 -1.21 -8.25
C THR A 161 -10.43 -2.55 -7.93
N GLU A 162 -11.67 -2.73 -8.39
CA GLU A 162 -12.42 -3.96 -8.17
C GLU A 162 -12.04 -5.02 -9.20
N GLY A 163 -12.11 -6.28 -8.77
CA GLY A 163 -12.08 -7.40 -9.69
C GLY A 163 -10.78 -7.65 -10.42
N VAL A 164 -9.63 -7.26 -9.83
CA VAL A 164 -8.35 -7.47 -10.49
C VAL A 164 -7.37 -8.16 -9.54
N SER A 165 -7.88 -8.74 -8.46
CA SER A 165 -6.97 -9.28 -7.46
C SER A 165 -6.45 -10.65 -7.88
N THR A 166 -5.42 -11.09 -7.17
CA THR A 166 -4.87 -12.42 -7.43
C THR A 166 -5.92 -13.51 -7.18
N THR A 167 -6.65 -13.41 -6.07
CA THR A 167 -7.68 -14.43 -5.80
C THR A 167 -8.80 -14.39 -6.84
N ASP A 168 -9.15 -13.21 -7.33
CA ASP A 168 -10.08 -13.09 -8.46
C ASP A 168 -9.61 -13.93 -9.65
N LEU A 169 -8.30 -13.93 -9.94
CA LEU A 169 -7.81 -14.73 -11.06
C LEU A 169 -8.02 -16.22 -10.79
N ILE A 170 -7.80 -16.67 -9.56
CA ILE A 170 -8.00 -18.08 -9.25
C ILE A 170 -9.47 -18.45 -9.39
N VAL A 171 -10.37 -17.58 -8.95
CA VAL A 171 -11.79 -17.83 -9.16
C VAL A 171 -12.08 -18.01 -10.65
N ARG A 172 -11.41 -17.25 -11.52
CA ARG A 172 -11.61 -17.42 -12.99
C ARG A 172 -11.14 -18.82 -13.43
N ILE A 173 -10.00 -19.27 -12.92
CA ILE A 173 -9.54 -20.62 -13.24
C ILE A 173 -10.63 -21.62 -12.87
N LEU A 174 -11.09 -21.54 -11.62
CA LEU A 174 -12.06 -22.50 -11.11
C LEU A 174 -13.32 -22.55 -11.96
N LYS A 175 -13.68 -21.45 -12.61
CA LYS A 175 -14.93 -21.42 -13.35
C LYS A 175 -14.87 -22.25 -14.63
N ASN A 176 -13.71 -22.77 -15.03
CA ASN A 176 -13.68 -23.72 -16.14
C ASN A 176 -14.22 -25.09 -15.78
N TYR A 177 -14.55 -25.33 -14.51
CA TYR A 177 -14.99 -26.64 -14.04
C TYR A 177 -16.45 -26.49 -13.61
N GLU A 178 -17.38 -26.90 -14.48
CA GLU A 178 -18.79 -26.79 -14.17
C GLU A 178 -19.12 -27.58 -12.91
N ASP A 179 -20.11 -27.09 -12.15
CA ASP A 179 -20.57 -27.84 -10.98
C ASP A 179 -21.05 -29.22 -11.35
N TYR A 180 -21.66 -29.37 -12.52
CA TYR A 180 -22.28 -30.65 -12.91
C TYR A 180 -21.88 -31.01 -14.33
C GZ6 B . 13.62 4.74 3.37
N1 GZ6 B . 12.65 5.41 4.01
N2 GZ6 B . 13.47 3.37 3.25
N3 GZ6 B . 14.64 5.38 2.92
H1 GZ6 B . 11.85 4.91 4.38
H2 GZ6 B . 14.13 2.76 2.80
H3 GZ6 B . 12.68 2.85 3.62
H4 GZ6 B . 14.65 6.39 3.07
H6 GZ6 B . 12.73 6.42 4.12
C GZ6 C . -22.25 -21.99 -8.19
N1 GZ6 C . -21.32 -22.10 -9.19
N2 GZ6 C . -22.74 -20.74 -8.04
N3 GZ6 C . -22.68 -22.95 -7.44
H1 GZ6 C . -21.00 -21.33 -9.77
H2 GZ6 C . -23.44 -20.56 -7.32
H3 GZ6 C . -22.40 -20.00 -8.63
H4 GZ6 C . -22.28 -23.87 -7.59
H6 GZ6 C . -20.85 -22.97 -9.44
C02 IJ8 D . 2.31 20.00 2.60
C03 IJ8 D . 1.47 21.28 2.52
C05 IJ8 D . 0.40 20.00 4.09
C06 IJ8 D . 1.36 19.04 3.37
O01 IJ8 D . 3.45 20.19 3.38
O04 IJ8 D . 0.80 21.32 3.76
O07 IJ8 D . 2.14 18.44 4.35
C02 IJ8 E . -2.90 -0.68 8.37
C03 IJ8 E . -3.66 -1.87 7.65
C05 IJ8 E . -1.99 -1.07 6.18
C06 IJ8 E . -2.15 0.05 7.23
O01 IJ8 E . -1.93 -1.13 9.25
O04 IJ8 E . -2.93 -2.17 6.46
O07 IJ8 E . -0.90 0.40 7.83
C GZ6 F . 11.96 -8.14 10.59
N1 GZ6 F . 12.77 -7.36 9.85
N2 GZ6 F . 11.90 -9.46 10.22
N3 GZ6 F . 11.32 -7.60 11.58
H1 GZ6 F . 13.28 -7.76 9.07
H2 GZ6 F . 12.43 -9.86 9.44
H3 GZ6 F . 11.35 -10.16 10.68
H4 GZ6 F . 10.71 -8.21 12.12
H6 GZ6 F . 12.85 -6.37 10.07
#